data_4QEI
#
_entry.id   4QEI
#
_cell.length_a   134.605
_cell.length_b   88.446
_cell.length_c   81.206
_cell.angle_alpha   90.00
_cell.angle_beta   90.00
_cell.angle_gamma   90.00
#
_symmetry.space_group_name_H-M   'P 21 21 2'
#
loop_
_entity.id
_entity.type
_entity.pdbx_description
1 polymer 'Glycine--tRNA ligase'
2 polymer tRNA-Gly-CCC-2-2
3 non-polymer 'ADENOSINE MONOPHOSPHATE'
4 water water
#
loop_
_entity_poly.entity_id
_entity_poly.type
_entity_poly.pdbx_seq_one_letter_code
_entity_poly.pdbx_strand_id
1 'polypeptide(L)'
;IVDRAKMGDTLKRRFFYDQAFAIYGGVSGLYDFGPVGCALKNNIIQTWRQHFIQEEQILEIDCTMLTPEPVLKTSGHVDK
FADFMVKDVKNGERFRADHLLKAHLQKLMSDKKCSVEKKSEMESVLAQLDNYGQQELADLFVNYNVKSPITGNDLSPPVS
FNLMFKTFIGPGGNMPGYLRPETAQGIFLNFKRLLEFNQGKLPFAAAQIGNSFRNEISPRSGLIRVREFTMAEIEHFVDP
SEKDHPKFQNVADLHLYLYSAKAQVSGQSARKMRLGDAVEQGVINNTVLGYFIGRIYLYLTKVGISPDKLRFRQHMENEM
AHYACDCWDAESKTSYGWIEIVGCADRSCYDLSCHARATKVPLVAEKPLKEPKTVNVVQFEPSKGAIGKAYKKDAKLVME
YLAICDECYITEMEMLLNEKGEFTIETEGKTFQLTKDMINVKRFQKTLYVEEVVPNVIEPSFGLGRIMYTVFEHTFHVRE
GDEQRTFFSFPAVVAPFKCSVLPLSQNQEFMPFVKELSEALTRHGVSHKVDDSSGSIGRRYARTDEIGVAFGVTIDFDTV
NKTPHTATLRDRDSMRQIRAEISELPSIVQDLANGNITWADVEARYPLFEGQETGKKETIEELEHHHHHH
;
A
2 'polyribonucleotide' (GTP)CGCCGCUGGUGUAGUGGUAUCAUGCAAGAUUCCCAUUCUUGCGACCCGGGUUCGAUUCCCGGGCGGCG C
#
loop_
_chem_comp.id
_chem_comp.type
_chem_comp.name
_chem_comp.formula
A RNA linking ADENOSINE-5'-MONOPHOSPHATE 'C10 H14 N5 O7 P'
AMP non-polymer 'ADENOSINE MONOPHOSPHATE' 'C10 H14 N5 O7 P'
C RNA linking CYTIDINE-5'-MONOPHOSPHATE 'C9 H14 N3 O8 P'
G RNA linking GUANOSINE-5'-MONOPHOSPHATE 'C10 H14 N5 O8 P'
GTP non-polymer GUANOSINE-5'-TRIPHOSPHATE 'C10 H16 N5 O14 P3'
U RNA linking URIDINE-5'-MONOPHOSPHATE 'C9 H13 N2 O9 P'
#
# COMPACT_ATOMS: atom_id res chain seq x y z
N ILE A 1 11.45 12.87 22.61
CA ILE A 1 11.68 14.29 22.32
C ILE A 1 10.41 14.92 21.75
N VAL A 2 9.37 14.10 21.64
CA VAL A 2 8.02 14.54 21.29
C VAL A 2 7.13 14.24 22.50
N ASP A 3 6.45 15.25 22.99
CA ASP A 3 5.54 15.08 24.11
C ASP A 3 4.32 14.28 23.64
N ARG A 4 4.43 12.96 23.64
CA ARG A 4 3.37 12.12 23.09
C ARG A 4 2.02 12.34 23.81
N ALA A 5 2.09 12.58 25.12
CA ALA A 5 0.95 12.82 25.96
C ALA A 5 0.27 14.14 25.57
N LYS A 6 1.06 15.20 25.45
CA LYS A 6 0.47 16.48 25.08
C LYS A 6 -0.17 16.39 23.68
N MET A 7 0.57 15.80 22.76
CA MET A 7 0.10 15.64 21.41
C MET A 7 -1.21 14.84 21.34
N GLY A 8 -1.26 13.74 22.07
CA GLY A 8 -2.43 12.88 22.13
C GLY A 8 -3.62 13.64 22.68
N ASP A 9 -3.36 14.52 23.64
CA ASP A 9 -4.45 15.32 24.13
C ASP A 9 -5.01 16.20 23.03
N THR A 10 -4.13 16.81 22.24
CA THR A 10 -4.62 17.63 21.14
C THR A 10 -5.41 16.83 20.07
N LEU A 11 -4.94 15.61 19.78
CA LEU A 11 -5.56 14.72 18.78
C LEU A 11 -6.94 14.25 19.26
N LYS A 12 -7.07 14.06 20.58
CA LYS A 12 -8.31 13.61 21.19
C LYS A 12 -9.36 14.62 21.35
N ARG A 13 -8.88 15.81 21.67
CA ARG A 13 -9.71 16.96 22.02
C ARG A 13 -10.37 17.58 20.79
N ARG A 14 -9.57 17.73 19.75
CA ARG A 14 -10.00 18.25 18.47
C ARG A 14 -10.58 17.14 17.56
N PHE A 15 -10.59 15.90 18.04
CA PHE A 15 -11.23 14.83 17.28
C PHE A 15 -10.58 14.56 15.91
N PHE A 16 -9.25 14.43 15.90
CA PHE A 16 -8.49 13.89 14.76
C PHE A 16 -8.96 12.47 14.61
N TYR A 17 -8.95 11.77 15.75
CA TYR A 17 -9.51 10.44 15.82
C TYR A 17 -9.87 10.07 17.24
N ASP A 18 -10.65 9.00 17.37
CA ASP A 18 -11.04 8.54 18.67
C ASP A 18 -11.37 7.08 18.65
N GLN A 19 -11.36 6.48 19.84
CA GLN A 19 -11.70 5.09 20.04
C GLN A 19 -13.02 4.77 19.38
N ALA A 20 -13.10 3.69 18.59
CA ALA A 20 -14.37 3.36 17.94
C ALA A 20 -15.34 2.86 19.01
N PHE A 21 -16.61 3.22 18.82
CA PHE A 21 -17.72 2.82 19.69
C PHE A 21 -17.44 3.22 21.13
N ALA A 22 -16.87 4.41 21.27
CA ALA A 22 -16.44 4.91 22.58
C ALA A 22 -17.60 4.99 23.58
N ILE A 23 -18.77 5.45 23.13
CA ILE A 23 -19.88 5.58 24.05
C ILE A 23 -20.41 4.21 24.45
N TYR A 24 -20.05 3.17 23.74
CA TYR A 24 -20.43 1.81 24.17
C TYR A 24 -19.31 1.17 24.96
N GLY A 25 -18.36 1.98 25.39
CA GLY A 25 -17.20 1.51 26.12
C GLY A 25 -15.97 1.30 25.27
N GLY A 26 -16.15 1.27 23.95
CA GLY A 26 -15.03 1.12 23.02
C GLY A 26 -14.61 -0.27 22.64
N VAL A 27 -13.88 -0.39 21.54
CA VAL A 27 -13.28 -1.66 21.11
C VAL A 27 -11.80 -1.52 20.75
N SER A 28 -10.93 -2.40 21.24
CA SER A 28 -9.47 -2.27 20.95
C SER A 28 -9.13 -2.51 19.48
N GLY A 29 -8.29 -1.62 18.96
CA GLY A 29 -7.81 -1.76 17.62
C GLY A 29 -8.76 -1.20 16.59
N LEU A 30 -9.80 -0.52 17.06
CA LEU A 30 -10.75 0.09 16.14
C LEU A 30 -10.85 1.58 16.40
N TYR A 31 -10.71 2.37 15.35
CA TYR A 31 -10.69 3.81 15.51
C TYR A 31 -11.53 4.53 14.46
N ASP A 32 -12.25 5.56 14.89
CA ASP A 32 -12.97 6.46 13.99
C ASP A 32 -12.12 7.70 13.78
N PHE A 33 -12.10 8.21 12.56
CA PHE A 33 -11.34 9.40 12.30
C PHE A 33 -12.39 10.52 12.20
N GLY A 34 -12.18 11.62 12.91
CA GLY A 34 -13.10 12.76 12.91
C GLY A 34 -12.79 13.68 11.75
N PRO A 35 -13.54 14.76 11.62
CA PRO A 35 -13.36 15.68 10.50
C PRO A 35 -11.93 16.01 10.10
N VAL A 36 -11.10 16.48 11.02
CA VAL A 36 -9.75 16.82 10.67
C VAL A 36 -8.90 15.61 10.24
N GLY A 37 -9.02 14.51 10.96
CA GLY A 37 -8.28 13.32 10.60
C GLY A 37 -8.69 12.69 9.27
N CYS A 38 -9.99 12.72 9.04
CA CYS A 38 -10.50 12.20 7.81
C CYS A 38 -10.09 13.11 6.64
N ALA A 39 -10.07 14.41 6.87
CA ALA A 39 -9.65 15.35 5.83
C ALA A 39 -8.18 15.07 5.52
N LEU A 40 -7.37 14.88 6.56
CA LEU A 40 -5.98 14.57 6.34
C LEU A 40 -5.73 13.28 5.58
N LYS A 41 -6.48 12.25 5.94
CA LYS A 41 -6.30 10.94 5.34
C LYS A 41 -6.67 11.06 3.89
N ASN A 42 -7.75 11.79 3.60
CA ASN A 42 -8.14 11.95 2.22
C ASN A 42 -7.10 12.73 1.42
N ASN A 43 -6.47 13.73 2.02
CA ASN A 43 -5.40 14.42 1.32
C ASN A 43 -4.15 13.56 1.07
N ILE A 44 -3.75 12.80 2.08
CA ILE A 44 -2.62 11.87 1.96
C ILE A 44 -2.88 10.91 0.78
N ILE A 45 -4.08 10.35 0.74
CA ILE A 45 -4.48 9.39 -0.30
C ILE A 45 -4.56 10.09 -1.65
N GLN A 46 -5.04 11.32 -1.68
CA GLN A 46 -5.14 12.04 -2.93
C GLN A 46 -3.75 12.29 -3.49
N THR A 47 -2.86 12.75 -2.63
CA THR A 47 -1.45 12.94 -2.96
C THR A 47 -0.81 11.64 -3.44
N TRP A 48 -1.18 10.54 -2.80
CA TRP A 48 -0.67 9.25 -3.17
C TRP A 48 -1.10 8.87 -4.58
N ARG A 49 -2.36 9.13 -4.92
CA ARG A 49 -2.84 8.84 -6.25
C ARG A 49 -2.03 9.65 -7.23
N GLN A 50 -1.88 10.94 -7.03
CA GLN A 50 -1.14 11.71 -8.04
C GLN A 50 0.32 11.29 -8.15
N HIS A 51 0.94 10.95 -7.03
CA HIS A 51 2.27 10.39 -7.03
C HIS A 51 2.26 9.10 -7.84
N PHE A 52 1.89 8.00 -7.22
CA PHE A 52 2.05 6.69 -7.84
C PHE A 52 1.09 6.36 -9.05
N ILE A 53 -0.24 6.34 -8.84
CA ILE A 53 -1.15 5.93 -9.93
C ILE A 53 -1.08 6.81 -11.20
N GLN A 54 -1.03 8.12 -11.02
CA GLN A 54 -0.98 9.02 -12.14
C GLN A 54 0.35 9.10 -12.82
N GLU A 55 1.45 9.26 -12.07
CA GLU A 55 2.79 9.36 -12.65
C GLU A 55 3.29 8.10 -13.33
N GLU A 56 2.87 6.95 -12.83
CA GLU A 56 3.39 5.70 -13.38
C GLU A 56 2.32 5.07 -14.24
N GLN A 57 1.21 5.77 -14.34
CA GLN A 57 0.06 5.30 -15.08
C GLN A 57 -0.34 3.90 -14.65
N ILE A 58 -0.47 3.74 -13.33
CA ILE A 58 -0.77 2.46 -12.71
C ILE A 58 -2.26 2.12 -12.86
N LEU A 59 -2.57 0.84 -13.07
CA LEU A 59 -3.96 0.42 -13.16
C LEU A 59 -4.61 0.21 -11.79
N GLU A 60 -5.40 1.19 -11.35
CA GLU A 60 -6.10 1.13 -10.06
C GLU A 60 -7.32 0.26 -10.25
N ILE A 61 -7.57 -0.65 -9.31
CA ILE A 61 -8.79 -1.47 -9.29
C ILE A 61 -9.45 -1.46 -7.91
N ASP A 62 -10.73 -1.85 -7.83
CA ASP A 62 -11.48 -1.90 -6.57
C ASP A 62 -12.19 -3.22 -6.32
N CYS A 63 -11.55 -4.09 -5.57
CA CYS A 63 -12.09 -5.40 -5.22
C CYS A 63 -12.86 -5.39 -3.89
N THR A 64 -13.57 -6.46 -3.59
CA THR A 64 -14.36 -6.59 -2.35
C THR A 64 -13.48 -6.96 -1.18
N MET A 65 -13.91 -6.58 0.01
CA MET A 65 -13.23 -6.96 1.24
C MET A 65 -13.59 -8.40 1.62
N LEU A 66 -14.83 -8.77 1.35
CA LEU A 66 -15.35 -10.11 1.54
C LEU A 66 -14.60 -11.14 0.67
N THR A 67 -14.06 -12.19 1.28
CA THR A 67 -13.24 -13.18 0.57
C THR A 67 -13.55 -14.65 0.92
N PRO A 68 -13.84 -15.50 -0.09
CA PRO A 68 -14.16 -16.91 0.20
C PRO A 68 -12.94 -17.72 0.67
N GLU A 69 -13.19 -18.70 1.54
CA GLU A 69 -12.12 -19.48 2.16
C GLU A 69 -11.06 -20.06 1.24
N PRO A 70 -11.45 -20.70 0.12
CA PRO A 70 -10.44 -21.31 -0.77
C PRO A 70 -9.36 -20.37 -1.24
N VAL A 71 -9.73 -19.13 -1.54
CA VAL A 71 -8.77 -18.13 -2.01
C VAL A 71 -7.64 -17.95 -0.97
N LEU A 72 -8.02 -17.87 0.29
CA LEU A 72 -7.01 -17.65 1.31
C LEU A 72 -6.41 -18.96 1.79
N LYS A 73 -6.98 -20.09 1.39
CA LYS A 73 -6.32 -21.34 1.67
C LYS A 73 -5.18 -21.45 0.66
N THR A 74 -5.46 -21.19 -0.62
CA THR A 74 -4.46 -21.23 -1.67
C THR A 74 -3.29 -20.25 -1.46
N SER A 75 -3.58 -19.10 -0.87
CA SER A 75 -2.55 -18.08 -0.65
C SER A 75 -1.78 -18.35 0.63
N GLY A 76 -2.22 -19.32 1.40
CA GLY A 76 -1.48 -19.72 2.59
C GLY A 76 -1.82 -18.90 3.83
N HIS A 77 -2.87 -18.10 3.80
CA HIS A 77 -3.19 -17.29 4.98
C HIS A 77 -3.93 -18.07 6.05
N VAL A 78 -4.69 -19.07 5.61
CA VAL A 78 -5.47 -19.92 6.50
C VAL A 78 -4.60 -20.78 7.41
N ASP A 79 -3.46 -21.24 6.92
CA ASP A 79 -2.66 -22.12 7.76
C ASP A 79 -1.68 -21.25 8.55
N LYS A 80 -1.28 -20.14 7.96
CA LYS A 80 -0.20 -19.31 8.48
C LYS A 80 -0.76 -18.55 9.67
N PHE A 81 -1.90 -17.90 9.42
CA PHE A 81 -2.60 -17.08 10.41
C PHE A 81 -3.65 -17.77 11.27
N ALA A 82 -3.80 -19.09 11.17
CA ALA A 82 -4.91 -19.69 11.90
C ALA A 82 -4.61 -21.13 12.34
N ASP A 83 -5.39 -21.59 13.33
CA ASP A 83 -5.43 -22.98 13.79
C ASP A 83 -6.64 -23.25 14.70
N PHE A 84 -6.37 -23.71 15.92
CA PHE A 84 -7.39 -23.95 16.94
C PHE A 84 -6.75 -24.43 18.23
N MET A 85 -7.09 -23.80 19.35
CA MET A 85 -6.46 -24.10 20.62
C MET A 85 -7.51 -24.62 21.60
N VAL A 86 -7.10 -24.90 22.84
CA VAL A 86 -8.02 -25.30 23.90
C VAL A 86 -8.06 -24.36 25.12
N LYS A 87 -9.25 -24.21 25.70
CA LYS A 87 -9.41 -23.34 26.85
C LYS A 87 -9.73 -24.08 28.15
N ASP A 88 -9.12 -23.59 29.23
CA ASP A 88 -9.40 -23.94 30.63
C ASP A 88 -10.82 -23.53 31.03
N VAL A 89 -11.47 -24.32 31.88
CA VAL A 89 -12.86 -24.08 32.31
C VAL A 89 -13.15 -22.65 32.82
N LYS A 90 -12.11 -22.01 33.38
CA LYS A 90 -12.22 -20.65 33.93
C LYS A 90 -11.01 -19.82 33.50
N ASN A 91 -10.97 -19.45 32.21
CA ASN A 91 -9.89 -18.66 31.59
C ASN A 91 -8.56 -19.43 31.47
N GLY A 92 -7.69 -18.99 30.55
CA GLY A 92 -6.37 -19.58 30.35
C GLY A 92 -6.18 -20.40 29.08
N GLU A 93 -6.45 -19.77 27.95
CA GLU A 93 -6.34 -20.36 26.60
C GLU A 93 -4.93 -20.87 26.21
N ARG A 94 -4.79 -22.12 25.80
CA ARG A 94 -3.46 -22.68 25.47
C ARG A 94 -3.44 -23.30 24.06
N PHE A 95 -2.31 -23.22 23.37
CA PHE A 95 -2.22 -23.77 22.01
C PHE A 95 -2.58 -25.26 22.06
N ARG A 96 -3.20 -25.77 20.99
CA ARG A 96 -3.46 -27.21 20.86
C ARG A 96 -2.30 -28.09 20.42
N ALA A 97 -1.77 -27.87 19.22
CA ALA A 97 -0.73 -28.75 18.69
C ALA A 97 0.35 -28.78 19.76
N ASP A 98 0.55 -27.61 20.35
CA ASP A 98 1.49 -27.32 21.43
C ASP A 98 1.32 -28.32 22.57
N HIS A 99 0.17 -28.24 23.25
CA HIS A 99 -0.13 -28.99 24.47
C HIS A 99 -0.26 -30.49 24.19
N LEU A 100 -0.49 -30.83 22.93
CA LEU A 100 -0.58 -32.22 22.49
C LEU A 100 0.86 -32.75 22.56
N LEU A 101 1.76 -31.98 21.94
CA LEU A 101 3.21 -32.24 21.95
C LEU A 101 3.80 -32.25 23.38
N LYS A 102 3.31 -31.36 24.23
CA LYS A 102 3.76 -31.28 25.62
C LYS A 102 3.47 -32.61 26.33
N ALA A 103 2.32 -33.21 25.99
CA ALA A 103 1.85 -34.50 26.50
C ALA A 103 1.22 -34.39 27.89
N HIS A 104 0.30 -35.33 28.15
CA HIS A 104 -0.49 -35.54 29.37
C HIS A 104 -1.89 -36.00 28.97
N LEU A 105 -2.91 -35.39 29.55
CA LEU A 105 -4.29 -35.75 29.24
C LEU A 105 -5.17 -34.55 28.90
N GLN A 106 -5.22 -33.57 29.81
CA GLN A 106 -6.02 -32.36 29.64
C GLN A 106 -5.89 -31.38 30.82
N LYS A 107 -5.89 -30.08 30.49
CA LYS A 107 -5.98 -28.96 31.45
C LYS A 107 -4.76 -28.78 32.37
N LEU A 108 -4.87 -27.84 33.29
CA LEU A 108 -3.82 -27.57 34.29
C LEU A 108 -4.30 -26.57 35.36
N GLN A 134 -9.58 -31.22 13.34
CA GLN A 134 -11.03 -31.09 13.30
C GLN A 134 -11.62 -31.46 14.66
N GLN A 135 -12.82 -32.01 14.68
CA GLN A 135 -13.41 -32.39 15.97
C GLN A 135 -13.00 -33.84 16.26
N GLU A 136 -12.15 -34.36 15.37
CA GLU A 136 -11.68 -35.72 15.45
C GLU A 136 -10.57 -35.60 16.48
N LEU A 137 -9.88 -34.46 16.41
CA LEU A 137 -8.80 -34.11 17.32
C LEU A 137 -9.38 -33.80 18.70
N ALA A 138 -10.59 -33.23 18.68
CA ALA A 138 -11.24 -32.82 19.92
C ALA A 138 -11.53 -34.11 20.65
N ASP A 139 -12.06 -35.09 19.92
CA ASP A 139 -12.28 -36.41 20.48
C ASP A 139 -10.96 -37.06 20.92
N LEU A 140 -9.89 -36.80 20.17
CA LEU A 140 -8.55 -37.31 20.50
C LEU A 140 -8.03 -36.81 21.86
N PHE A 141 -8.27 -35.53 22.15
CA PHE A 141 -7.81 -34.91 23.40
C PHE A 141 -8.37 -35.66 24.60
N VAL A 142 -9.58 -36.18 24.42
CA VAL A 142 -10.29 -36.94 25.46
C VAL A 142 -9.63 -38.31 25.57
N ASN A 143 -8.38 -38.32 26.05
CA ASN A 143 -7.57 -39.52 26.20
C ASN A 143 -6.28 -39.17 26.93
N PHE A 161 -8.93 -20.77 16.58
CA PHE A 161 -8.32 -19.45 16.69
C PHE A 161 -7.68 -19.00 15.38
N ASN A 162 -8.28 -17.99 14.74
CA ASN A 162 -7.81 -17.43 13.48
C ASN A 162 -7.58 -15.91 13.56
N LEU A 163 -6.52 -15.38 12.93
CA LEU A 163 -6.29 -13.97 13.23
C LEU A 163 -6.99 -13.21 12.11
N MET A 164 -7.48 -13.97 11.14
CA MET A 164 -8.27 -13.42 10.06
C MET A 164 -9.68 -13.30 10.58
N PHE A 165 -10.42 -12.24 10.28
CA PHE A 165 -11.79 -12.25 10.73
C PHE A 165 -12.64 -13.22 9.88
N LYS A 166 -13.25 -14.20 10.54
CA LYS A 166 -14.02 -15.23 9.85
C LYS A 166 -15.52 -14.89 9.74
N THR A 167 -16.15 -15.27 8.63
CA THR A 167 -17.59 -15.07 8.47
C THR A 167 -18.13 -16.09 7.44
N PHE A 168 -19.39 -15.93 7.08
CA PHE A 168 -20.05 -16.83 6.14
C PHE A 168 -20.81 -16.06 5.06
N ILE A 169 -20.54 -16.34 3.80
CA ILE A 169 -21.22 -15.64 2.73
C ILE A 169 -22.46 -16.43 2.33
N GLY A 170 -23.57 -15.69 2.28
CA GLY A 170 -24.90 -16.23 2.05
C GLY A 170 -25.47 -16.65 3.40
N PRO A 171 -26.77 -16.51 3.60
CA PRO A 171 -27.14 -16.87 4.98
C PRO A 171 -27.59 -18.34 5.02
N GLY A 172 -27.30 -19.06 6.09
CA GLY A 172 -27.41 -20.50 6.06
C GLY A 172 -25.98 -20.98 6.16
N GLY A 173 -25.09 -20.16 5.62
CA GLY A 173 -23.65 -20.29 5.82
C GLY A 173 -22.96 -21.54 5.33
N ASN A 174 -23.21 -21.90 4.09
CA ASN A 174 -22.58 -23.07 3.48
C ASN A 174 -21.22 -22.78 2.80
N MET A 175 -20.95 -21.48 2.64
CA MET A 175 -19.73 -20.85 2.06
C MET A 175 -18.96 -19.93 3.02
N PRO A 176 -18.14 -20.56 3.85
CA PRO A 176 -17.30 -19.75 4.72
C PRO A 176 -16.22 -18.92 4.05
N GLY A 177 -16.04 -17.75 4.66
CA GLY A 177 -15.12 -16.73 4.19
C GLY A 177 -14.46 -15.94 5.32
N TYR A 178 -13.74 -14.91 4.90
CA TYR A 178 -12.96 -14.00 5.73
C TYR A 178 -13.03 -12.56 5.22
N LEU A 179 -12.73 -11.62 6.10
CA LEU A 179 -12.43 -10.27 5.69
C LEU A 179 -11.00 -10.28 5.20
N ARG A 180 -10.74 -9.73 4.01
CA ARG A 180 -9.40 -9.81 3.41
C ARG A 180 -8.37 -9.20 4.40
N PRO A 181 -7.22 -9.85 4.60
CA PRO A 181 -6.16 -9.32 5.47
C PRO A 181 -5.17 -8.41 4.73
N GLU A 182 -5.34 -8.30 3.42
CA GLU A 182 -4.52 -7.45 2.55
C GLU A 182 -5.31 -7.20 1.24
N THR A 183 -4.83 -6.30 0.41
CA THR A 183 -5.57 -5.94 -0.79
C THR A 183 -4.97 -6.48 -2.08
N ALA A 184 -3.90 -7.23 -1.92
CA ALA A 184 -3.13 -7.78 -3.02
C ALA A 184 -3.84 -8.91 -3.78
N GLN A 185 -4.54 -9.75 -3.03
CA GLN A 185 -5.16 -10.91 -3.67
C GLN A 185 -6.10 -10.52 -4.77
N GLY A 186 -6.82 -9.43 -4.59
CA GLY A 186 -7.71 -8.94 -5.63
C GLY A 186 -6.96 -8.54 -6.88
N ILE A 187 -5.72 -8.10 -6.73
CA ILE A 187 -4.91 -7.78 -7.91
C ILE A 187 -4.42 -9.07 -8.60
N PHE A 188 -4.02 -10.08 -7.83
CA PHE A 188 -3.59 -11.35 -8.44
C PHE A 188 -4.71 -12.10 -9.15
N LEU A 189 -5.91 -12.06 -8.59
CA LEU A 189 -7.04 -12.77 -9.20
C LEU A 189 -7.45 -12.17 -10.52
N ASN A 190 -7.24 -10.87 -10.68
CA ASN A 190 -7.57 -10.18 -11.91
C ASN A 190 -6.39 -9.99 -12.89
N PHE A 191 -5.33 -10.77 -12.72
CA PHE A 191 -4.12 -10.60 -13.54
C PHE A 191 -4.35 -10.70 -15.06
N LYS A 192 -5.23 -11.59 -15.50
CA LYS A 192 -5.44 -11.77 -16.93
C LYS A 192 -6.13 -10.54 -17.52
N ARG A 193 -7.17 -10.11 -16.83
CA ARG A 193 -7.94 -8.95 -17.21
C ARG A 193 -7.05 -7.68 -17.24
N LEU A 194 -6.14 -7.59 -16.27
CA LEU A 194 -5.24 -6.44 -16.16
C LEU A 194 -4.14 -6.45 -17.23
N LEU A 195 -3.62 -7.64 -17.55
CA LEU A 195 -2.63 -7.76 -18.61
C LEU A 195 -3.28 -7.46 -19.95
N GLU A 196 -4.49 -7.96 -20.12
CA GLU A 196 -5.23 -7.69 -21.32
C GLU A 196 -5.48 -6.18 -21.44
N PHE A 197 -5.84 -5.51 -20.34
CA PHE A 197 -6.06 -4.07 -20.48
C PHE A 197 -4.80 -3.35 -20.94
N ASN A 198 -3.64 -3.87 -20.57
CA ASN A 198 -2.37 -3.29 -21.01
C ASN A 198 -1.88 -3.94 -22.31
N GLN A 199 -2.81 -4.52 -23.05
CA GLN A 199 -2.52 -5.14 -24.34
C GLN A 199 -1.47 -6.25 -24.37
N GLY A 200 -1.41 -6.99 -23.27
CA GLY A 200 -0.58 -8.17 -23.16
C GLY A 200 0.87 -7.84 -22.90
N LYS A 201 1.20 -6.56 -22.83
CA LYS A 201 2.59 -6.14 -22.77
C LYS A 201 3.02 -5.94 -21.30
N LEU A 202 4.30 -6.19 -21.02
CA LEU A 202 4.96 -5.91 -19.72
C LEU A 202 5.98 -4.77 -19.90
N PRO A 203 6.28 -4.02 -18.82
CA PRO A 203 5.77 -4.20 -17.47
C PRO A 203 4.49 -3.47 -17.31
N PHE A 204 3.81 -3.72 -16.19
CA PHE A 204 2.68 -2.91 -15.80
C PHE A 204 2.48 -3.02 -14.32
N ALA A 205 1.64 -2.17 -13.79
CA ALA A 205 1.40 -2.17 -12.35
C ALA A 205 -0.05 -1.94 -12.05
N ALA A 206 -0.53 -2.67 -11.07
CA ALA A 206 -1.88 -2.49 -10.59
C ALA A 206 -1.83 -2.01 -9.16
N ALA A 207 -2.81 -1.22 -8.74
CA ALA A 207 -2.85 -0.75 -7.36
C ALA A 207 -4.22 -0.89 -6.75
N GLN A 208 -4.25 -0.96 -5.43
CA GLN A 208 -5.48 -0.99 -4.67
C GLN A 208 -5.33 -0.15 -3.40
N ILE A 209 -6.35 0.64 -3.14
CA ILE A 209 -6.42 1.46 -1.95
C ILE A 209 -7.64 1.11 -1.13
N GLY A 210 -7.47 0.40 -0.03
CA GLY A 210 -8.64 -0.02 0.72
C GLY A 210 -8.32 -0.66 2.03
N ASN A 211 -9.32 -1.00 2.82
CA ASN A 211 -9.10 -1.47 4.17
C ASN A 211 -8.80 -2.93 4.19
N SER A 212 -8.06 -3.30 5.22
CA SER A 212 -7.71 -4.68 5.49
C SER A 212 -7.88 -4.92 6.96
N PHE A 213 -8.01 -6.20 7.28
CA PHE A 213 -8.41 -6.59 8.60
C PHE A 213 -7.44 -7.63 9.14
N ARG A 214 -7.27 -7.62 10.45
CA ARG A 214 -6.33 -8.47 11.13
C ARG A 214 -6.76 -8.65 12.56
N ASN A 215 -7.39 -9.77 12.87
CA ASN A 215 -7.92 -10.04 14.19
C ASN A 215 -6.81 -10.20 15.23
N GLU A 216 -6.12 -9.11 15.52
CA GLU A 216 -5.00 -9.02 16.45
C GLU A 216 -5.17 -9.47 17.90
N ILE A 217 -4.19 -10.22 18.40
CA ILE A 217 -4.26 -10.80 19.74
C ILE A 217 -4.48 -9.71 20.78
N SER A 218 -3.53 -8.79 20.93
CA SER A 218 -3.67 -7.69 21.91
C SER A 218 -3.18 -6.38 21.30
N PRO A 219 -4.08 -5.62 20.65
CA PRO A 219 -3.55 -4.40 20.05
C PRO A 219 -3.14 -3.38 21.10
N ARG A 220 -1.90 -2.90 20.98
CA ARG A 220 -1.46 -1.74 21.75
C ARG A 220 -1.06 -0.61 20.77
N SER A 221 -0.11 0.21 21.21
CA SER A 221 0.60 1.14 20.34
C SER A 221 -0.29 2.06 19.49
N GLY A 222 -1.50 2.35 19.99
CA GLY A 222 -2.36 3.31 19.31
C GLY A 222 -2.64 2.83 17.90
N LEU A 223 -2.49 3.73 16.92
CA LEU A 223 -2.74 3.44 15.50
C LEU A 223 -1.74 2.41 14.88
N ILE A 224 -0.63 2.14 15.56
CA ILE A 224 0.38 1.33 14.96
C ILE A 224 -0.01 -0.14 14.83
N ARG A 225 -0.66 -0.71 15.84
CA ARG A 225 -1.08 -2.10 15.71
C ARG A 225 -2.58 -2.11 15.97
N VAL A 226 -3.37 -2.05 14.90
CA VAL A 226 -4.84 -1.93 14.91
C VAL A 226 -5.43 -3.13 14.19
N ARG A 227 -6.73 -3.34 14.33
CA ARG A 227 -7.40 -4.52 13.76
C ARG A 227 -7.97 -4.21 12.35
N GLU A 228 -8.30 -2.95 12.04
CA GLU A 228 -8.76 -2.50 10.72
C GLU A 228 -7.93 -1.29 10.24
N PHE A 229 -7.36 -1.30 9.04
CA PHE A 229 -6.46 -0.18 8.71
C PHE A 229 -6.53 -0.05 7.21
N THR A 230 -6.36 1.17 6.73
CA THR A 230 -6.37 1.42 5.31
C THR A 230 -4.99 1.22 4.68
N MET A 231 -4.91 0.37 3.67
CA MET A 231 -3.68 0.06 2.96
C MET A 231 -3.72 0.59 1.56
N ALA A 232 -2.54 0.93 1.07
CA ALA A 232 -2.28 1.32 -0.32
C ALA A 232 -1.26 0.37 -0.90
N GLU A 233 -1.69 -0.57 -1.73
CA GLU A 233 -0.78 -1.62 -2.22
C GLU A 233 -0.56 -1.55 -3.72
N ILE A 234 0.70 -1.60 -4.12
CA ILE A 234 1.02 -1.62 -5.56
C ILE A 234 1.62 -2.98 -5.91
N GLU A 235 1.20 -3.55 -7.04
CA GLU A 235 1.83 -4.76 -7.57
C GLU A 235 2.46 -4.37 -8.89
N HIS A 236 3.79 -4.33 -8.91
CA HIS A 236 4.45 -3.96 -10.16
C HIS A 236 5.01 -5.24 -10.85
N PHE A 237 4.38 -5.63 -11.96
CA PHE A 237 4.76 -6.81 -12.78
C PHE A 237 5.81 -6.47 -13.86
N VAL A 238 6.92 -7.20 -13.84
CA VAL A 238 8.07 -6.97 -14.73
C VAL A 238 8.72 -8.21 -15.33
N ASP A 239 9.20 -8.06 -16.57
CA ASP A 239 9.99 -9.13 -17.18
C ASP A 239 11.26 -9.28 -16.34
N PRO A 240 11.56 -10.49 -15.88
CA PRO A 240 12.77 -10.62 -15.07
C PRO A 240 14.03 -10.20 -15.82
N SER A 241 13.97 -10.25 -17.15
CA SER A 241 15.07 -9.82 -18.01
C SER A 241 15.15 -8.32 -18.37
N GLU A 242 14.23 -7.51 -17.86
CA GLU A 242 14.22 -6.10 -18.27
C GLU A 242 14.21 -5.23 -17.05
N LYS A 243 14.99 -5.66 -16.09
CA LYS A 243 15.14 -4.98 -14.82
C LYS A 243 16.00 -3.70 -14.85
N ASP A 244 15.51 -2.74 -15.63
CA ASP A 244 16.11 -1.42 -15.75
C ASP A 244 15.02 -0.39 -15.97
N HIS A 245 14.99 0.62 -15.10
CA HIS A 245 13.93 1.59 -15.20
C HIS A 245 14.35 2.83 -15.99
N PRO A 246 13.59 3.14 -17.03
CA PRO A 246 13.90 4.24 -17.94
C PRO A 246 13.86 5.60 -17.26
N LYS A 247 13.24 5.67 -16.09
CA LYS A 247 13.03 6.95 -15.43
C LYS A 247 13.85 7.09 -14.15
N PHE A 248 14.79 6.18 -13.97
CA PHE A 248 15.63 6.12 -12.78
C PHE A 248 16.44 7.38 -12.64
N GLN A 249 16.74 8.00 -13.76
CA GLN A 249 17.59 9.18 -13.71
C GLN A 249 16.91 10.34 -12.99
N ASN A 250 15.60 10.22 -12.78
CA ASN A 250 14.82 11.22 -12.04
C ASN A 250 15.08 11.23 -10.54
N VAL A 251 15.54 10.10 -10.02
CA VAL A 251 15.76 9.95 -8.60
C VAL A 251 17.17 9.63 -8.17
N ALA A 252 18.07 9.52 -9.14
CA ALA A 252 19.43 9.08 -8.84
C ALA A 252 20.21 10.04 -7.92
N ASP A 253 19.80 11.31 -7.86
CA ASP A 253 20.50 12.34 -7.08
C ASP A 253 20.03 12.51 -5.64
N LEU A 254 18.93 11.84 -5.30
CA LEU A 254 18.40 11.93 -3.97
C LEU A 254 19.44 11.33 -2.99
N HIS A 255 19.57 11.92 -1.81
CA HIS A 255 20.45 11.37 -0.81
C HIS A 255 19.60 10.77 0.30
N LEU A 256 19.67 9.46 0.44
CA LEU A 256 18.79 8.70 1.31
C LEU A 256 19.46 7.92 2.42
N TYR A 257 18.80 7.76 3.56
CA TYR A 257 19.36 6.85 4.55
C TYR A 257 19.03 5.40 4.23
N LEU A 258 20.08 4.64 3.95
CA LEU A 258 19.97 3.25 3.58
C LEU A 258 20.59 2.39 4.68
N TYR A 259 19.84 1.37 5.08
CA TYR A 259 20.24 0.47 6.16
C TYR A 259 20.38 -0.92 5.58
N SER A 260 21.53 -1.21 4.99
CA SER A 260 21.80 -2.48 4.31
C SER A 260 21.79 -3.69 5.24
N ALA A 261 21.61 -4.87 4.69
CA ALA A 261 21.66 -6.09 5.48
C ALA A 261 23.06 -6.26 6.06
N LYS A 262 24.07 -5.93 5.25
CA LYS A 262 25.46 -6.02 5.67
C LYS A 262 25.65 -5.09 6.85
N ALA A 263 25.04 -3.91 6.82
CA ALA A 263 25.18 -2.98 7.94
C ALA A 263 24.53 -3.53 9.20
N GLN A 264 23.40 -4.19 9.04
CA GLN A 264 22.66 -4.78 10.16
C GLN A 264 23.39 -5.97 10.82
N VAL A 265 23.93 -6.87 10.02
CA VAL A 265 24.65 -8.05 10.51
C VAL A 265 25.94 -7.60 11.26
N SER A 266 26.63 -6.64 10.67
CA SER A 266 27.91 -6.18 11.17
C SER A 266 27.74 -5.09 12.25
N GLY A 267 26.55 -4.99 12.83
CA GLY A 267 26.26 -4.05 13.92
C GLY A 267 26.46 -2.57 13.66
N GLN A 268 26.38 -2.22 12.39
CA GLN A 268 26.55 -0.88 11.87
C GLN A 268 25.18 -0.13 11.88
N SER A 269 25.28 1.15 11.59
CA SER A 269 24.16 2.08 11.53
C SER A 269 23.80 2.30 10.08
N ALA A 270 22.60 2.79 9.84
CA ALA A 270 22.19 3.12 8.48
C ALA A 270 23.07 4.27 7.98
N ARG A 271 23.22 4.39 6.66
CA ARG A 271 24.07 5.44 6.11
C ARG A 271 23.43 6.13 4.90
N LYS A 272 23.67 7.44 4.82
CA LYS A 272 23.18 8.28 3.74
C LYS A 272 23.96 8.04 2.43
N MET A 273 23.22 7.84 1.35
CA MET A 273 23.85 7.55 0.07
C MET A 273 23.18 8.27 -1.06
N ARG A 274 23.93 8.57 -2.12
CA ARG A 274 23.28 9.02 -3.32
C ARG A 274 22.62 7.76 -3.91
N LEU A 275 21.39 7.89 -4.39
CA LEU A 275 20.63 6.73 -4.89
C LEU A 275 21.32 6.02 -6.05
N GLY A 276 21.77 6.82 -7.00
CA GLY A 276 22.48 6.30 -8.15
C GLY A 276 23.75 5.55 -7.75
N ASP A 277 24.47 6.11 -6.78
CA ASP A 277 25.67 5.46 -6.27
C ASP A 277 25.31 4.14 -5.65
N ALA A 278 24.24 4.15 -4.86
CA ALA A 278 23.85 2.92 -4.21
C ALA A 278 23.56 1.80 -5.20
N VAL A 279 22.90 2.10 -6.32
CA VAL A 279 22.68 1.06 -7.34
C VAL A 279 24.01 0.66 -8.02
N GLU A 280 24.80 1.66 -8.38
CA GLU A 280 26.09 1.43 -9.03
C GLU A 280 27.05 0.56 -8.24
N GLN A 281 27.01 0.67 -6.92
CA GLN A 281 27.94 -0.06 -6.07
C GLN A 281 27.30 -1.36 -5.63
N GLY A 282 26.06 -1.58 -6.08
CA GLY A 282 25.36 -2.82 -5.81
C GLY A 282 24.66 -2.99 -4.47
N VAL A 283 24.59 -1.90 -3.72
CA VAL A 283 23.86 -1.91 -2.45
C VAL A 283 22.37 -2.16 -2.75
N ILE A 284 21.85 -1.44 -3.73
CA ILE A 284 20.52 -1.72 -4.25
C ILE A 284 20.69 -2.42 -5.58
N ASN A 285 20.12 -3.62 -5.71
CA ASN A 285 20.37 -4.52 -6.83
C ASN A 285 20.16 -3.87 -8.21
N ASN A 286 19.03 -3.21 -8.43
CA ASN A 286 18.73 -2.64 -9.75
C ASN A 286 18.00 -1.29 -9.73
N THR A 287 17.74 -0.73 -10.91
CA THR A 287 17.19 0.61 -10.99
C THR A 287 15.68 0.59 -10.97
N VAL A 288 15.12 -0.61 -11.01
CA VAL A 288 13.67 -0.75 -10.85
C VAL A 288 13.42 -0.58 -9.34
N LEU A 289 14.11 -1.37 -8.52
CA LEU A 289 14.06 -1.23 -7.06
C LEU A 289 14.44 0.15 -6.59
N GLY A 290 15.50 0.68 -7.16
CA GLY A 290 16.00 2.01 -6.86
C GLY A 290 15.02 3.10 -7.16
N TYR A 291 14.43 3.02 -8.33
CA TYR A 291 13.43 4.00 -8.74
C TYR A 291 12.30 4.01 -7.71
N PHE A 292 11.81 2.81 -7.41
CA PHE A 292 10.68 2.68 -6.53
C PHE A 292 11.00 3.23 -5.14
N ILE A 293 12.24 3.03 -4.72
CA ILE A 293 12.70 3.61 -3.46
C ILE A 293 12.70 5.13 -3.48
N GLY A 294 13.25 5.70 -4.54
CA GLY A 294 13.31 7.14 -4.68
C GLY A 294 11.95 7.79 -4.68
N ARG A 295 11.01 7.21 -5.43
CA ARG A 295 9.70 7.85 -5.40
C ARG A 295 8.97 7.59 -4.12
N ILE A 296 9.24 6.49 -3.44
CA ILE A 296 8.63 6.34 -2.14
C ILE A 296 9.14 7.42 -1.18
N TYR A 297 10.44 7.61 -1.19
CA TYR A 297 11.07 8.66 -0.41
C TYR A 297 10.42 10.02 -0.72
N LEU A 298 10.32 10.35 -2.01
CA LEU A 298 9.74 11.63 -2.39
C LEU A 298 8.34 11.72 -1.85
N TYR A 299 7.57 10.65 -1.95
CA TYR A 299 6.23 10.72 -1.39
C TYR A 299 6.16 10.90 0.15
N LEU A 300 6.93 10.12 0.91
CA LEU A 300 6.85 10.18 2.37
C LEU A 300 7.25 11.56 2.83
N THR A 301 8.27 12.11 2.19
CA THR A 301 8.69 13.46 2.52
C THR A 301 7.70 14.50 2.02
N LYS A 302 7.03 14.20 0.93
CA LYS A 302 6.07 15.18 0.43
C LYS A 302 4.95 15.39 1.47
N VAL A 303 4.56 14.32 2.16
CA VAL A 303 3.43 14.41 3.10
C VAL A 303 3.83 14.77 4.53
N GLY A 304 5.10 15.10 4.76
CA GLY A 304 5.54 15.66 6.02
C GLY A 304 6.39 14.81 6.96
N ILE A 305 6.87 13.67 6.48
CA ILE A 305 7.76 12.84 7.29
C ILE A 305 9.16 13.40 7.18
N SER A 306 9.81 13.58 8.31
CA SER A 306 11.15 14.19 8.34
C SER A 306 12.14 13.25 7.72
N PRO A 307 12.96 13.76 6.79
CA PRO A 307 13.94 12.91 6.10
C PRO A 307 14.93 12.27 7.02
N ASP A 308 15.25 12.97 8.10
CA ASP A 308 16.21 12.48 9.06
C ASP A 308 15.61 11.44 9.99
N LYS A 309 14.31 11.22 9.94
CA LYS A 309 13.76 10.19 10.79
C LYS A 309 13.05 9.20 9.89
N LEU A 310 13.65 9.05 8.71
CA LEU A 310 13.21 8.15 7.68
C LEU A 310 14.38 7.38 7.05
N ARG A 311 14.27 6.06 7.01
CA ARG A 311 15.32 5.23 6.41
C ARG A 311 14.72 4.08 5.60
N PHE A 312 15.57 3.41 4.85
CA PHE A 312 15.18 2.23 4.08
C PHE A 312 15.98 1.01 4.52
N ARG A 313 15.29 0.02 5.12
CA ARG A 313 15.93 -1.15 5.66
C ARG A 313 15.83 -2.34 4.71
N GLN A 314 16.97 -2.90 4.37
CA GLN A 314 17.03 -4.06 3.52
C GLN A 314 16.68 -5.33 4.29
N HIS A 315 16.06 -6.26 3.59
CA HIS A 315 15.63 -7.53 4.12
C HIS A 315 16.86 -8.43 4.22
N MET A 316 17.01 -9.21 5.28
CA MET A 316 18.19 -10.06 5.24
C MET A 316 17.87 -11.54 5.25
N GLU A 317 18.93 -12.35 5.08
CA GLU A 317 18.80 -13.79 4.88
C GLU A 317 18.24 -14.49 6.12
N ASP A 326 15.07 -8.96 -4.02
CA ASP A 326 15.75 -8.08 -3.06
C ASP A 326 14.63 -7.11 -2.63
N CYS A 327 14.60 -6.69 -1.37
CA CYS A 327 13.51 -5.89 -0.77
C CYS A 327 14.01 -5.06 0.38
N TRP A 328 13.71 -3.77 0.20
CA TRP A 328 13.89 -2.66 1.13
C TRP A 328 12.58 -2.09 1.72
N ASP A 329 12.51 -1.89 3.05
CA ASP A 329 11.32 -1.33 3.69
C ASP A 329 11.51 0.09 4.18
N ALA A 330 10.55 0.96 3.90
CA ALA A 330 10.55 2.29 4.51
C ALA A 330 10.11 2.28 5.97
N GLU A 331 11.01 2.79 6.83
CA GLU A 331 10.83 2.85 8.28
C GLU A 331 10.98 4.26 8.76
N SER A 332 10.13 4.67 9.70
CA SER A 332 10.24 6.01 10.25
C SER A 332 10.55 5.92 11.76
N LYS A 333 11.32 6.88 12.27
CA LYS A 333 11.67 6.90 13.70
C LYS A 333 10.63 7.66 14.55
N THR A 334 9.97 6.97 15.47
CA THR A 334 8.96 7.60 16.32
C THR A 334 9.27 7.41 17.82
N SER A 335 8.35 7.80 18.71
CA SER A 335 8.56 7.61 20.16
C SER A 335 8.39 6.13 20.46
N TYR A 336 7.89 5.36 19.51
CA TYR A 336 7.78 3.93 19.70
C TYR A 336 8.99 3.26 19.07
N GLY A 337 9.91 4.08 18.61
CA GLY A 337 11.11 3.60 17.94
C GLY A 337 10.90 3.53 16.46
N TRP A 338 11.72 2.76 15.75
CA TRP A 338 11.62 2.59 14.30
C TRP A 338 10.48 1.70 13.95
N ILE A 339 9.48 2.25 13.27
CA ILE A 339 8.34 1.44 12.85
C ILE A 339 8.27 1.31 11.30
N GLU A 340 7.81 0.16 10.81
CA GLU A 340 7.64 -0.04 9.37
C GLU A 340 6.33 0.65 8.90
N ILE A 341 6.47 1.46 7.85
CA ILE A 341 5.35 2.22 7.32
C ILE A 341 5.12 1.76 5.87
N VAL A 342 6.18 1.30 5.23
CA VAL A 342 5.99 0.80 3.88
C VAL A 342 6.76 -0.51 3.86
N GLY A 343 6.02 -1.55 3.56
CA GLY A 343 6.49 -2.90 3.39
C GLY A 343 6.87 -3.16 1.97
N CYS A 344 7.67 -4.18 1.79
CA CYS A 344 8.10 -4.57 0.47
C CYS A 344 8.30 -6.03 0.51
N ALA A 345 7.72 -6.59 -0.53
CA ALA A 345 7.61 -8.00 -0.76
C ALA A 345 7.97 -8.26 -2.19
N ASP A 346 8.38 -9.49 -2.43
CA ASP A 346 8.69 -10.00 -3.75
C ASP A 346 7.98 -11.33 -3.76
N ARG A 347 6.90 -11.36 -4.53
CA ARG A 347 6.00 -12.51 -4.58
C ARG A 347 6.14 -13.18 -5.93
N SER A 348 7.36 -13.10 -6.44
CA SER A 348 7.72 -13.84 -7.63
C SER A 348 7.67 -15.32 -7.30
N CYS A 349 7.09 -16.08 -8.22
CA CYS A 349 6.92 -17.51 -8.04
C CYS A 349 6.16 -17.84 -6.76
N TYR A 350 5.15 -17.05 -6.47
CA TYR A 350 4.36 -17.35 -5.29
C TYR A 350 2.84 -17.29 -5.51
N ASP A 351 2.21 -16.12 -5.30
CA ASP A 351 0.76 -15.98 -5.52
C ASP A 351 0.23 -16.33 -6.92
N LEU A 352 0.82 -15.80 -7.99
CA LEU A 352 0.31 -16.15 -9.32
C LEU A 352 0.36 -17.64 -9.52
N SER A 353 1.44 -18.26 -9.05
CA SER A 353 1.62 -19.69 -9.19
C SER A 353 0.63 -20.50 -8.40
N CYS A 354 0.43 -20.11 -7.15
CA CYS A 354 -0.49 -20.82 -6.28
C CYS A 354 -1.85 -20.80 -6.84
N HIS A 355 -2.31 -19.60 -7.18
CA HIS A 355 -3.64 -19.49 -7.73
C HIS A 355 -3.76 -20.20 -9.06
N ALA A 356 -2.68 -20.20 -9.85
CA ALA A 356 -2.64 -20.90 -11.12
C ALA A 356 -2.79 -22.40 -10.91
N ARG A 357 -2.07 -22.92 -9.94
CA ARG A 357 -2.14 -24.33 -9.65
C ARG A 357 -3.51 -24.66 -9.13
N ALA A 358 -4.03 -23.88 -8.21
CA ALA A 358 -5.33 -24.17 -7.61
C ALA A 358 -6.55 -24.03 -8.56
N THR A 359 -6.47 -23.17 -9.57
CA THR A 359 -7.62 -22.90 -10.40
C THR A 359 -7.47 -23.53 -11.74
N LYS A 360 -6.25 -24.01 -12.01
CA LYS A 360 -5.90 -24.54 -13.31
C LYS A 360 -6.03 -23.52 -14.43
N VAL A 361 -5.96 -22.26 -14.05
CA VAL A 361 -5.96 -21.17 -15.00
C VAL A 361 -4.53 -20.61 -15.07
N PRO A 362 -3.88 -20.72 -16.23
CA PRO A 362 -2.51 -20.26 -16.47
C PRO A 362 -2.38 -18.73 -16.34
N LEU A 363 -1.71 -18.30 -15.28
CA LEU A 363 -1.40 -16.88 -15.09
C LEU A 363 0.03 -16.48 -15.53
N VAL A 364 0.17 -16.11 -16.81
CA VAL A 364 1.47 -15.85 -17.40
C VAL A 364 1.42 -14.80 -18.51
N ALA A 365 2.50 -14.03 -18.63
CA ALA A 365 2.69 -13.08 -19.72
C ALA A 365 3.28 -13.88 -20.87
N GLU A 366 3.29 -13.24 -22.03
CA GLU A 366 3.63 -13.83 -23.33
C GLU A 366 4.37 -12.82 -24.18
N LYS A 367 5.64 -13.13 -24.39
CA LYS A 367 6.59 -12.33 -25.15
C LYS A 367 6.94 -12.95 -26.52
N PRO A 368 6.92 -12.10 -27.57
CA PRO A 368 7.25 -12.37 -28.96
C PRO A 368 8.71 -12.44 -29.03
N LEU A 369 9.18 -13.27 -29.93
CA LEU A 369 10.58 -13.52 -30.06
C LEU A 369 11.01 -12.86 -31.34
N LYS A 370 12.06 -12.04 -31.19
CA LYS A 370 12.62 -11.25 -32.28
C LYS A 370 12.92 -12.18 -33.45
N GLU A 371 13.64 -13.24 -33.13
CA GLU A 371 13.92 -14.34 -34.05
C GLU A 371 13.23 -15.64 -33.59
N PRO A 372 12.16 -16.05 -34.29
CA PRO A 372 11.50 -17.36 -34.09
C PRO A 372 12.47 -18.55 -34.09
N LYS A 373 12.49 -19.29 -32.99
CA LYS A 373 13.15 -20.60 -32.92
C LYS A 373 12.41 -21.77 -33.60
N THR A 374 13.07 -22.46 -34.54
CA THR A 374 12.51 -23.69 -35.09
C THR A 374 13.06 -24.88 -34.31
N VAL A 375 12.24 -25.89 -34.09
CA VAL A 375 12.67 -27.10 -33.39
C VAL A 375 12.25 -28.44 -34.01
N ASN A 376 13.19 -29.35 -34.16
CA ASN A 376 12.85 -30.66 -34.66
C ASN A 376 12.10 -31.40 -33.56
N VAL A 377 11.08 -32.18 -33.93
CA VAL A 377 10.23 -32.82 -32.92
C VAL A 377 10.03 -34.26 -33.42
N VAL A 378 10.61 -35.21 -32.69
CA VAL A 378 10.40 -36.64 -32.93
C VAL A 378 9.53 -37.22 -31.83
N GLN A 379 8.25 -37.43 -32.09
CA GLN A 379 7.39 -37.92 -31.03
C GLN A 379 6.40 -38.99 -31.46
N PHE A 380 6.10 -39.86 -30.50
CA PHE A 380 5.17 -40.96 -30.71
C PHE A 380 3.72 -40.42 -30.86
N GLU A 381 2.91 -41.00 -31.76
CA GLU A 381 1.53 -40.53 -32.01
C GLU A 381 0.57 -41.74 -31.94
N PRO A 382 0.35 -42.26 -30.72
CA PRO A 382 -0.54 -43.36 -30.30
C PRO A 382 -2.06 -43.26 -30.43
N SER A 383 -2.69 -44.18 -31.16
CA SER A 383 -4.14 -44.18 -31.24
C SER A 383 -4.63 -44.34 -29.79
N LYS A 384 -5.39 -43.39 -29.26
CA LYS A 384 -5.89 -43.53 -27.88
C LYS A 384 -6.95 -44.61 -27.81
N GLY A 385 -7.81 -44.63 -28.83
CA GLY A 385 -8.87 -45.61 -28.90
C GLY A 385 -8.34 -47.04 -29.02
N ALA A 386 -7.62 -47.35 -30.09
CA ALA A 386 -7.04 -48.69 -30.29
C ALA A 386 -6.37 -49.24 -29.01
N ILE A 387 -5.45 -48.47 -28.44
CA ILE A 387 -4.60 -48.93 -27.37
C ILE A 387 -5.49 -49.14 -26.14
N GLY A 388 -6.39 -48.17 -25.91
CA GLY A 388 -7.26 -48.26 -24.76
C GLY A 388 -8.31 -49.35 -24.83
N LYS A 389 -8.64 -49.80 -26.04
CA LYS A 389 -9.66 -50.83 -26.19
C LYS A 389 -9.00 -52.17 -25.98
N ALA A 390 -7.86 -52.37 -26.61
CA ALA A 390 -7.13 -53.63 -26.45
C ALA A 390 -6.62 -53.91 -25.03
N TYR A 391 -6.18 -52.88 -24.31
CA TYR A 391 -5.64 -53.07 -22.96
C TYR A 391 -6.53 -52.33 -21.93
N LYS A 392 -6.55 -52.75 -20.66
CA LYS A 392 -7.47 -52.10 -19.71
C LYS A 392 -6.97 -51.18 -18.61
N LYS A 393 -5.89 -51.53 -17.94
CA LYS A 393 -5.30 -50.63 -16.96
C LYS A 393 -3.89 -50.60 -17.45
N ASP A 394 -3.67 -51.59 -18.31
CA ASP A 394 -2.44 -51.86 -19.01
C ASP A 394 -2.05 -50.60 -19.80
N ALA A 395 -2.96 -50.17 -20.66
CA ALA A 395 -2.71 -49.05 -21.57
C ALA A 395 -2.53 -47.66 -20.92
N LYS A 396 -2.98 -47.50 -19.67
CA LYS A 396 -2.65 -46.29 -18.93
C LYS A 396 -1.15 -46.35 -18.70
N LEU A 397 -0.66 -47.48 -18.20
CA LEU A 397 0.76 -47.59 -17.92
C LEU A 397 1.54 -47.52 -19.26
N VAL A 398 0.91 -47.97 -20.37
CA VAL A 398 1.58 -48.01 -21.67
C VAL A 398 1.70 -46.60 -22.28
N MET A 399 1.06 -45.62 -21.65
CA MET A 399 1.15 -44.32 -22.29
C MET A 399 1.91 -43.58 -21.22
N GLU A 400 2.00 -44.24 -20.06
CA GLU A 400 2.72 -43.72 -18.93
C GLU A 400 4.17 -43.81 -19.38
N TYR A 401 4.37 -44.80 -20.26
CA TYR A 401 5.68 -45.18 -20.85
C TYR A 401 6.01 -44.54 -22.19
N LEU A 402 5.17 -44.70 -23.22
CA LEU A 402 5.59 -44.26 -24.56
C LEU A 402 6.07 -42.79 -24.62
N ALA A 403 5.48 -41.92 -23.81
CA ALA A 403 5.95 -40.53 -23.78
C ALA A 403 7.41 -40.44 -23.36
N ILE A 404 7.81 -41.29 -22.42
CA ILE A 404 9.18 -41.25 -21.90
C ILE A 404 10.10 -42.06 -22.80
N CYS A 405 10.37 -41.56 -24.00
CA CYS A 405 11.30 -42.23 -24.89
C CYS A 405 12.13 -41.29 -25.76
N ASP A 406 13.43 -41.57 -25.86
CA ASP A 406 14.35 -40.84 -26.75
C ASP A 406 14.12 -41.13 -28.24
N GLU A 407 14.41 -40.14 -29.09
CA GLU A 407 14.21 -40.23 -30.54
C GLU A 407 14.91 -41.45 -31.17
N CYS A 408 16.07 -41.80 -30.61
CA CYS A 408 16.83 -42.98 -31.02
C CYS A 408 15.94 -44.23 -30.88
N TYR A 409 15.44 -44.43 -29.67
CA TYR A 409 14.54 -45.53 -29.33
C TYR A 409 13.31 -45.52 -30.25
N ILE A 410 12.77 -44.33 -30.47
CA ILE A 410 11.58 -44.12 -31.33
C ILE A 410 11.82 -44.62 -32.74
N THR A 411 12.91 -44.18 -33.35
CA THR A 411 13.11 -44.57 -34.73
C THR A 411 13.61 -46.00 -34.81
N GLU A 412 14.13 -46.56 -33.72
CA GLU A 412 14.41 -47.99 -33.74
C GLU A 412 13.09 -48.77 -33.77
N MET A 413 12.15 -48.28 -32.96
CA MET A 413 10.81 -48.83 -32.86
C MET A 413 10.07 -48.84 -34.19
N GLU A 414 10.02 -47.68 -34.85
CA GLU A 414 9.33 -47.60 -36.14
C GLU A 414 10.11 -48.39 -37.20
N MET A 415 11.42 -48.53 -36.99
CA MET A 415 12.25 -49.36 -37.87
C MET A 415 11.85 -50.83 -37.72
N LEU A 416 11.46 -51.20 -36.50
CA LEU A 416 10.97 -52.54 -36.24
C LEU A 416 9.56 -52.68 -36.80
N LEU A 417 8.86 -51.55 -36.96
CA LEU A 417 7.45 -51.59 -37.34
C LEU A 417 7.20 -51.51 -38.88
N ASN A 418 8.17 -51.08 -39.70
CA ASN A 418 7.83 -50.95 -41.16
C ASN A 418 8.11 -52.29 -41.83
N GLU A 419 8.76 -53.18 -41.07
CA GLU A 419 9.10 -54.51 -41.51
C GLU A 419 7.95 -55.01 -40.68
N LYS A 420 6.77 -55.02 -41.30
CA LYS A 420 5.49 -55.40 -40.66
C LYS A 420 5.64 -56.24 -39.40
N GLY A 421 4.98 -55.78 -38.34
CA GLY A 421 4.24 -54.54 -38.37
C GLY A 421 3.86 -54.20 -36.96
N GLU A 422 4.69 -54.65 -36.03
CA GLU A 422 4.36 -54.59 -34.62
C GLU A 422 5.58 -54.88 -33.75
N PHE A 423 5.73 -54.09 -32.71
CA PHE A 423 6.84 -54.24 -31.74
C PHE A 423 6.24 -54.63 -30.39
N THR A 424 7.08 -54.80 -29.37
CA THR A 424 6.56 -55.04 -28.03
C THR A 424 7.51 -54.36 -27.03
N ILE A 425 7.01 -54.12 -25.83
CA ILE A 425 7.77 -53.40 -24.80
C ILE A 425 7.71 -53.88 -23.35
N GLU A 426 8.62 -53.29 -22.58
CA GLU A 426 8.80 -53.55 -21.15
C GLU A 426 7.51 -53.68 -20.33
N THR A 427 7.60 -54.51 -19.30
CA THR A 427 6.53 -54.79 -18.33
C THR A 427 5.18 -55.04 -19.00
N GLN A 433 4.02 -55.86 -23.51
CA GLN A 433 2.83 -55.42 -24.24
C GLN A 433 3.09 -55.24 -25.74
N LEU A 434 2.28 -55.90 -26.57
CA LEU A 434 2.61 -56.06 -27.98
C LEU A 434 1.78 -55.03 -28.71
N THR A 435 2.47 -54.05 -29.28
CA THR A 435 1.80 -53.02 -30.05
C THR A 435 1.78 -53.19 -31.56
N LYS A 436 0.55 -53.10 -32.08
CA LYS A 436 0.24 -53.16 -33.51
C LYS A 436 0.16 -51.73 -34.01
N ASP A 437 -0.67 -51.49 -35.03
CA ASP A 437 -0.82 -50.12 -35.51
C ASP A 437 -1.96 -49.41 -34.81
N MET A 438 -1.54 -48.96 -33.64
CA MET A 438 -2.29 -48.25 -32.64
C MET A 438 -1.25 -47.23 -32.22
N ILE A 439 -0.20 -47.16 -33.04
CA ILE A 439 0.94 -46.28 -32.84
C ILE A 439 1.49 -45.76 -34.15
N ASN A 440 1.13 -44.53 -34.49
CA ASN A 440 1.76 -43.89 -35.62
C ASN A 440 2.97 -43.15 -35.01
N VAL A 441 3.90 -42.62 -35.80
CA VAL A 441 5.11 -42.11 -35.18
C VAL A 441 5.11 -40.75 -35.89
N LYS A 442 5.93 -39.77 -35.51
CA LYS A 442 5.92 -38.49 -36.24
C LYS A 442 7.12 -37.59 -36.02
N ARG A 443 7.66 -37.00 -37.08
CA ARG A 443 8.80 -36.08 -36.92
C ARG A 443 8.35 -34.82 -37.65
N PHE A 444 8.83 -33.65 -37.24
CA PHE A 444 8.44 -32.39 -37.89
C PHE A 444 8.98 -31.11 -37.26
N GLN A 445 9.02 -30.05 -38.07
CA GLN A 445 9.60 -28.77 -37.71
C GLN A 445 8.50 -28.07 -36.91
N LYS A 446 8.88 -27.37 -35.84
CA LYS A 446 7.90 -26.69 -35.01
C LYS A 446 8.50 -25.37 -34.59
N THR A 447 7.99 -24.29 -35.19
CA THR A 447 8.46 -22.95 -34.88
C THR A 447 7.68 -22.25 -33.74
N LEU A 448 8.45 -21.62 -32.85
CA LEU A 448 7.97 -20.82 -31.75
C LEU A 448 8.29 -19.36 -32.05
N TYR A 449 7.20 -18.60 -32.19
CA TYR A 449 7.21 -17.14 -32.31
C TYR A 449 7.09 -16.41 -30.95
N VAL A 450 6.76 -17.14 -29.88
CA VAL A 450 6.63 -16.58 -28.52
C VAL A 450 6.97 -17.47 -27.33
N GLU A 451 7.65 -16.88 -26.37
CA GLU A 451 8.12 -17.51 -25.15
C GLU A 451 7.18 -17.00 -24.01
N GLU A 452 6.77 -17.92 -23.13
CA GLU A 452 6.01 -17.60 -21.91
C GLU A 452 6.90 -17.09 -20.77
N VAL A 453 6.63 -15.85 -20.35
CA VAL A 453 7.30 -15.07 -19.27
C VAL A 453 6.45 -15.10 -17.99
N VAL A 454 7.04 -15.67 -16.96
CA VAL A 454 6.49 -15.65 -15.60
C VAL A 454 6.94 -14.40 -14.86
N PRO A 455 6.02 -13.43 -14.71
CA PRO A 455 6.40 -12.10 -14.24
C PRO A 455 6.92 -12.16 -12.83
N ASN A 456 7.96 -11.37 -12.59
CA ASN A 456 8.41 -11.06 -11.25
C ASN A 456 7.44 -10.03 -10.60
N VAL A 457 7.24 -10.01 -9.29
CA VAL A 457 6.34 -8.95 -8.81
C VAL A 457 7.02 -8.15 -7.69
N ILE A 458 6.95 -6.83 -7.75
CA ILE A 458 7.33 -5.96 -6.63
C ILE A 458 6.14 -5.39 -5.91
N GLU A 459 6.10 -5.60 -4.60
CA GLU A 459 4.93 -5.23 -3.82
C GLU A 459 5.23 -4.24 -2.71
N PRO A 460 5.09 -2.94 -3.01
CA PRO A 460 5.10 -1.82 -2.06
C PRO A 460 3.75 -1.74 -1.34
N SER A 461 3.77 -1.87 -0.03
CA SER A 461 2.59 -1.92 0.82
C SER A 461 2.61 -0.80 1.85
N PHE A 462 1.74 0.19 1.66
CA PHE A 462 1.70 1.43 2.47
C PHE A 462 0.65 1.38 3.59
N GLY A 463 1.09 1.51 4.83
CA GLY A 463 0.17 1.59 5.97
C GLY A 463 -0.20 3.04 6.33
N LEU A 464 -1.29 3.52 5.73
CA LEU A 464 -1.71 4.91 5.83
C LEU A 464 -1.84 5.35 7.28
N GLY A 465 -2.28 4.45 8.17
CA GLY A 465 -2.41 4.80 9.57
C GLY A 465 -1.06 5.15 10.22
N ARG A 466 -0.08 4.30 9.97
CA ARG A 466 1.24 4.49 10.50
C ARG A 466 1.88 5.71 9.86
N ILE A 467 1.62 5.91 8.59
CA ILE A 467 2.12 7.08 7.89
C ILE A 467 1.57 8.36 8.52
N MET A 468 0.27 8.37 8.76
CA MET A 468 -0.42 9.49 9.40
C MET A 468 0.09 9.75 10.82
N TYR A 469 0.22 8.67 11.58
CA TYR A 469 0.70 8.85 12.93
C TYR A 469 2.10 9.40 12.94
N THR A 470 2.91 8.93 12.01
CA THR A 470 4.28 9.40 11.84
C THR A 470 4.26 10.89 11.54
N VAL A 471 3.38 11.31 10.62
CA VAL A 471 3.24 12.73 10.33
C VAL A 471 2.87 13.50 11.63
N PHE A 472 1.99 12.95 12.46
CA PHE A 472 1.68 13.56 13.73
C PHE A 472 2.90 13.80 14.60
N GLU A 473 3.67 12.74 14.83
CA GLU A 473 4.81 12.92 15.72
C GLU A 473 5.85 13.83 15.08
N HIS A 474 5.96 13.84 13.76
CA HIS A 474 7.00 14.64 13.13
C HIS A 474 6.61 16.07 12.90
N THR A 475 5.32 16.39 12.94
CA THR A 475 4.94 17.76 12.66
C THR A 475 4.37 18.43 13.92
N PHE A 476 4.25 17.69 15.01
CA PHE A 476 3.70 18.26 16.24
C PHE A 476 4.64 19.18 16.96
N HIS A 477 4.14 20.37 17.28
CA HIS A 477 4.94 21.37 17.99
C HIS A 477 4.18 22.18 19.06
N VAL A 478 4.94 22.78 19.98
CA VAL A 478 4.33 23.64 20.99
C VAL A 478 4.92 25.04 20.78
N ARG A 479 4.18 26.12 21.05
CA ARG A 479 4.84 27.40 20.85
C ARG A 479 5.74 27.87 22.00
N GLU A 480 6.36 29.02 21.79
CA GLU A 480 7.31 29.59 22.74
C GLU A 480 6.42 30.41 23.69
N GLY A 481 6.64 30.37 24.99
CA GLY A 481 5.70 31.00 25.91
C GLY A 481 4.41 30.25 26.16
N ASP A 482 3.29 30.76 25.63
CA ASP A 482 1.99 30.07 25.74
C ASP A 482 2.22 28.65 25.18
N GLU A 483 2.58 27.72 26.05
CA GLU A 483 2.56 26.31 25.70
C GLU A 483 1.21 25.65 25.62
N GLN A 484 0.12 26.42 25.69
CA GLN A 484 -1.22 25.84 25.69
C GLN A 484 -1.47 25.67 24.19
N ARG A 485 -0.86 26.63 23.47
CA ARG A 485 -0.77 26.74 22.02
C ARG A 485 0.10 25.73 21.29
N THR A 486 -0.46 24.60 20.89
CA THR A 486 0.28 23.56 20.20
C THR A 486 -0.19 23.68 18.76
N PHE A 487 0.65 23.31 17.80
CA PHE A 487 0.23 23.25 16.39
C PHE A 487 0.89 22.13 15.52
N PHE A 488 0.28 21.84 14.38
CA PHE A 488 0.80 20.82 13.47
C PHE A 488 1.33 21.41 12.19
N SER A 489 2.60 21.14 11.90
CA SER A 489 3.28 21.58 10.69
C SER A 489 2.96 20.72 9.51
N PHE A 490 1.67 20.48 9.25
CA PHE A 490 1.28 19.71 8.07
C PHE A 490 1.75 20.51 6.87
N PRO A 491 2.40 19.85 5.90
CA PRO A 491 2.66 20.54 4.64
C PRO A 491 1.35 20.98 3.97
N ALA A 492 1.38 22.11 3.28
CA ALA A 492 0.15 22.64 2.69
C ALA A 492 -0.59 21.69 1.75
N VAL A 493 0.12 20.81 1.04
CA VAL A 493 -0.57 19.97 0.08
C VAL A 493 -1.48 18.97 0.78
N VAL A 494 -1.27 18.76 2.08
CA VAL A 494 -2.09 17.78 2.78
C VAL A 494 -2.79 18.31 4.01
N ALA A 495 -2.51 19.53 4.42
CA ALA A 495 -3.28 20.04 5.55
C ALA A 495 -4.80 20.05 5.37
N PRO A 496 -5.55 19.64 6.41
CA PRO A 496 -6.99 19.44 6.67
C PRO A 496 -7.78 20.58 6.07
N PHE A 497 -7.32 21.79 6.30
CA PHE A 497 -7.80 22.87 5.49
C PHE A 497 -6.69 23.79 5.18
N LYS A 498 -6.87 24.47 4.07
CA LYS A 498 -5.81 25.27 3.54
C LYS A 498 -5.77 26.58 4.24
N CYS A 499 -6.99 27.04 4.44
CA CYS A 499 -7.29 28.37 4.88
C CYS A 499 -8.28 28.54 6.03
N SER A 500 -7.92 29.31 7.05
CA SER A 500 -8.89 29.68 8.05
C SER A 500 -9.38 31.06 7.60
N VAL A 501 -10.70 31.29 7.61
CA VAL A 501 -11.24 32.61 7.29
C VAL A 501 -11.72 33.32 8.56
N LEU A 502 -11.05 34.36 9.01
CA LEU A 502 -11.47 34.98 10.26
C LEU A 502 -11.49 36.50 10.27
N PRO A 503 -12.50 37.06 10.91
CA PRO A 503 -12.72 38.48 11.15
C PRO A 503 -11.98 38.82 12.44
N LEU A 504 -11.52 40.04 12.59
CA LEU A 504 -10.76 40.37 13.79
C LEU A 504 -11.63 40.53 15.03
N SER A 505 -12.84 41.05 14.89
CA SER A 505 -13.71 41.30 16.03
C SER A 505 -15.08 40.81 15.65
N GLN A 506 -16.02 40.82 16.58
CA GLN A 506 -17.35 40.33 16.23
C GLN A 506 -18.14 41.35 15.42
N ASN A 507 -17.54 42.51 15.15
CA ASN A 507 -18.24 43.57 14.43
C ASN A 507 -18.89 43.17 13.11
N GLN A 508 -20.12 43.62 12.90
CA GLN A 508 -20.94 43.15 11.79
C GLN A 508 -20.44 43.58 10.39
N GLU A 509 -19.85 44.77 10.29
CA GLU A 509 -19.19 45.22 9.06
C GLU A 509 -18.14 44.29 8.45
N PHE A 510 -17.74 43.32 9.23
CA PHE A 510 -16.85 42.25 8.81
C PHE A 510 -17.53 41.14 7.98
N MET A 511 -18.68 40.67 8.47
CA MET A 511 -19.37 39.53 7.88
C MET A 511 -19.68 39.53 6.36
N PRO A 512 -19.91 40.71 5.72
CA PRO A 512 -20.01 40.63 4.25
C PRO A 512 -18.73 40.13 3.58
N PHE A 513 -17.59 40.61 4.09
CA PHE A 513 -16.28 40.24 3.62
C PHE A 513 -15.95 38.76 3.88
N VAL A 514 -16.31 38.27 5.05
CA VAL A 514 -16.07 36.86 5.36
C VAL A 514 -16.85 35.93 4.44
N LYS A 515 -18.11 36.28 4.20
CA LYS A 515 -18.98 35.47 3.35
C LYS A 515 -18.50 35.45 1.90
N GLU A 516 -18.18 36.62 1.35
CA GLU A 516 -17.72 36.66 -0.04
C GLU A 516 -16.44 35.88 -0.17
N LEU A 517 -15.59 36.03 0.82
CA LEU A 517 -14.31 35.34 0.84
C LEU A 517 -14.48 33.81 0.95
N SER A 518 -15.40 33.36 1.81
CA SER A 518 -15.69 31.93 1.99
C SER A 518 -16.22 31.37 0.67
N GLU A 519 -17.14 32.10 0.08
CA GLU A 519 -17.75 31.70 -1.18
C GLU A 519 -16.70 31.62 -2.26
N ALA A 520 -15.80 32.60 -2.30
CA ALA A 520 -14.74 32.59 -3.29
C ALA A 520 -13.80 31.40 -3.13
N LEU A 521 -13.51 31.04 -1.88
CA LEU A 521 -12.65 29.89 -1.61
C LEU A 521 -13.24 28.55 -2.04
N THR A 522 -14.54 28.43 -1.85
CA THR A 522 -15.26 27.23 -2.22
C THR A 522 -15.25 27.16 -3.74
N ARG A 523 -15.41 28.32 -4.37
CA ARG A 523 -15.37 28.42 -5.82
C ARG A 523 -13.99 27.98 -6.35
N HIS A 524 -12.93 28.14 -5.54
CA HIS A 524 -11.60 27.75 -6.00
C HIS A 524 -11.28 26.36 -5.55
N GLY A 525 -12.26 25.69 -4.93
CA GLY A 525 -12.05 24.32 -4.53
C GLY A 525 -11.09 24.24 -3.38
N VAL A 526 -10.91 25.34 -2.66
CA VAL A 526 -10.03 25.40 -1.48
C VAL A 526 -10.73 25.11 -0.16
N SER A 527 -10.46 23.95 0.44
CA SER A 527 -11.06 23.64 1.73
C SER A 527 -10.61 24.66 2.75
N HIS A 528 -11.56 25.18 3.48
CA HIS A 528 -11.29 26.24 4.43
C HIS A 528 -12.21 26.07 5.60
N LYS A 529 -12.04 26.92 6.59
CA LYS A 529 -12.97 26.92 7.68
C LYS A 529 -12.95 28.32 8.22
N VAL A 530 -14.15 28.82 8.28
CA VAL A 530 -14.46 30.11 8.82
C VAL A 530 -14.50 30.10 10.32
N ASP A 531 -13.74 30.92 11.05
CA ASP A 531 -13.95 30.75 12.47
C ASP A 531 -14.38 32.19 12.81
N ASP A 532 -15.68 32.37 13.10
CA ASP A 532 -16.28 33.64 13.54
C ASP A 532 -16.84 33.62 14.95
N SER A 533 -16.18 33.00 15.91
CA SER A 533 -16.74 32.84 17.25
C SER A 533 -16.46 34.04 18.16
N SER A 534 -17.00 33.96 19.37
CA SER A 534 -17.05 35.09 20.26
C SER A 534 -15.77 35.43 21.01
N GLY A 535 -14.64 34.80 20.69
CA GLY A 535 -13.44 35.30 21.35
C GLY A 535 -12.42 36.06 20.54
N SER A 536 -11.24 36.23 21.14
CA SER A 536 -10.12 36.95 20.54
C SER A 536 -9.50 36.35 19.26
N ILE A 537 -8.82 37.22 18.52
CA ILE A 537 -8.13 36.84 17.30
C ILE A 537 -7.20 35.74 17.76
N GLY A 538 -6.50 35.95 18.85
CA GLY A 538 -5.54 35.00 19.38
C GLY A 538 -6.16 33.66 19.79
N ARG A 539 -7.43 33.63 20.21
CA ARG A 539 -7.99 32.35 20.65
C ARG A 539 -8.34 31.51 19.39
N ARG A 540 -8.83 32.20 18.37
CA ARG A 540 -9.13 31.70 17.03
C ARG A 540 -7.88 31.24 16.30
N TYR A 541 -6.81 32.04 16.39
CA TYR A 541 -5.59 31.62 15.74
C TYR A 541 -5.04 30.40 16.48
N ALA A 542 -5.30 30.32 17.78
CA ALA A 542 -4.88 29.11 18.48
C ALA A 542 -5.65 27.88 18.08
N ARG A 543 -6.96 28.04 17.96
CA ARG A 543 -7.83 26.94 17.56
C ARG A 543 -7.54 26.44 16.14
N THR A 544 -7.35 27.38 15.21
CA THR A 544 -7.08 26.95 13.85
C THR A 544 -5.64 26.42 13.68
N ASP A 545 -4.67 26.94 14.42
CA ASP A 545 -3.32 26.39 14.37
C ASP A 545 -3.28 24.95 14.93
N GLU A 546 -4.05 24.73 15.99
CA GLU A 546 -4.11 23.46 16.70
C GLU A 546 -4.51 22.29 15.81
N ILE A 547 -5.24 22.57 14.75
CA ILE A 547 -5.63 21.51 13.84
C ILE A 547 -4.86 21.58 12.53
N GLY A 548 -3.86 22.44 12.47
CA GLY A 548 -2.94 22.45 11.36
C GLY A 548 -3.38 23.21 10.15
N VAL A 549 -4.25 24.18 10.33
CA VAL A 549 -4.65 24.99 9.20
C VAL A 549 -3.41 25.74 8.78
N ALA A 550 -3.11 25.62 7.49
CA ALA A 550 -1.83 26.05 6.97
C ALA A 550 -1.75 27.56 6.91
N PHE A 551 -2.84 28.19 6.53
CA PHE A 551 -2.86 29.64 6.39
C PHE A 551 -4.09 30.25 7.06
N GLY A 552 -4.03 31.55 7.32
CA GLY A 552 -5.15 32.27 7.92
C GLY A 552 -5.39 33.57 7.20
N VAL A 553 -6.64 33.96 7.08
CA VAL A 553 -6.96 35.24 6.50
C VAL A 553 -7.75 36.07 7.44
N THR A 554 -7.09 37.06 8.00
CA THR A 554 -7.74 37.98 8.91
C THR A 554 -8.26 39.24 8.20
N ILE A 555 -9.51 39.57 8.51
CA ILE A 555 -10.20 40.72 7.93
C ILE A 555 -10.38 41.75 9.03
N ASP A 556 -9.62 42.84 8.89
CA ASP A 556 -9.62 43.93 9.84
C ASP A 556 -10.33 45.17 9.33
N PHE A 557 -10.19 46.22 10.11
CA PHE A 557 -10.77 47.52 9.86
C PHE A 557 -10.13 48.14 8.61
N ASP A 558 -8.90 47.77 8.36
CA ASP A 558 -8.23 48.29 7.18
C ASP A 558 -8.86 47.65 5.95
N THR A 559 -9.44 46.46 6.12
CA THR A 559 -10.12 45.83 5.00
C THR A 559 -11.37 46.60 4.61
N VAL A 560 -12.14 47.01 5.61
CA VAL A 560 -13.42 47.68 5.33
C VAL A 560 -13.24 49.15 4.93
N ASN A 561 -12.24 49.79 5.51
CA ASN A 561 -12.12 51.24 5.39
C ASN A 561 -11.29 51.70 4.20
N LYS A 562 -10.36 50.86 3.74
CA LYS A 562 -9.37 51.32 2.77
C LYS A 562 -9.71 51.04 1.32
N THR A 563 -9.14 51.87 0.45
CA THR A 563 -9.68 52.13 -0.89
C THR A 563 -9.72 50.93 -1.85
N PRO A 564 -8.61 50.15 -2.00
CA PRO A 564 -8.96 48.81 -2.47
C PRO A 564 -9.03 47.83 -1.30
N HIS A 565 -9.87 46.79 -1.35
CA HIS A 565 -9.98 45.90 -0.20
C HIS A 565 -8.93 44.82 -0.07
N THR A 566 -8.10 44.99 0.96
CA THR A 566 -7.05 44.04 1.24
C THR A 566 -7.19 43.46 2.64
N ALA A 567 -6.87 42.17 2.78
CA ALA A 567 -6.86 41.47 4.06
C ALA A 567 -5.46 40.86 4.33
N THR A 568 -5.23 40.35 5.54
CA THR A 568 -3.92 39.79 5.90
C THR A 568 -3.85 38.26 5.85
N LEU A 569 -2.81 37.76 5.19
CA LEU A 569 -2.53 36.34 5.07
C LEU A 569 -1.38 35.95 6.02
N ARG A 570 -1.65 34.97 6.88
CA ARG A 570 -0.78 34.49 7.95
C ARG A 570 -0.35 33.04 7.82
N ASP A 571 0.96 32.81 7.94
CA ASP A 571 1.54 31.47 7.89
C ASP A 571 1.52 30.81 9.25
N ARG A 572 1.07 29.56 9.26
CA ARG A 572 0.90 28.84 10.50
C ARG A 572 2.20 28.70 11.27
N ASP A 573 3.24 28.21 10.60
CA ASP A 573 4.48 27.93 11.28
C ASP A 573 5.12 29.19 11.86
N SER A 574 5.30 30.21 11.02
CA SER A 574 6.02 31.44 11.39
C SER A 574 5.18 32.48 12.10
N MET A 575 3.85 32.42 11.89
CA MET A 575 2.93 33.47 12.38
C MET A 575 3.18 34.80 11.67
N ARG A 576 4.07 34.81 10.69
CA ARG A 576 4.36 36.02 9.91
C ARG A 576 3.27 36.32 8.90
N GLN A 577 3.08 37.58 8.58
CA GLN A 577 1.98 37.95 7.71
C GLN A 577 2.33 38.88 6.56
N ILE A 578 1.51 38.80 5.51
CA ILE A 578 1.55 39.76 4.42
C ILE A 578 0.15 40.29 4.18
N ARG A 579 0.04 41.29 3.32
CA ARG A 579 -1.26 41.89 3.01
C ARG A 579 -1.59 41.96 1.53
N ALA A 580 -2.77 41.47 1.15
CA ALA A 580 -3.12 41.42 -0.27
C ALA A 580 -4.62 41.66 -0.49
N GLU A 581 -4.94 42.11 -1.70
CA GLU A 581 -6.30 42.32 -2.19
C GLU A 581 -7.19 41.12 -1.96
N ILE A 582 -8.32 41.34 -1.29
CA ILE A 582 -9.18 40.23 -0.87
C ILE A 582 -9.69 39.41 -2.06
N SER A 583 -9.64 39.97 -3.27
CA SER A 583 -10.08 39.22 -4.43
C SER A 583 -8.98 38.31 -4.99
N GLU A 584 -7.74 38.54 -4.60
CA GLU A 584 -6.61 37.76 -5.10
C GLU A 584 -6.15 36.62 -4.17
N LEU A 585 -6.47 36.74 -2.89
CA LEU A 585 -6.09 35.74 -1.89
C LEU A 585 -6.53 34.27 -2.13
N PRO A 586 -7.73 34.03 -2.71
CA PRO A 586 -8.10 32.63 -3.00
C PRO A 586 -7.11 31.96 -3.91
N SER A 587 -6.67 32.70 -4.93
CA SER A 587 -5.73 32.14 -5.88
C SER A 587 -4.40 31.92 -5.18
N ILE A 588 -4.00 32.82 -4.30
CA ILE A 588 -2.72 32.68 -3.61
C ILE A 588 -2.68 31.45 -2.70
N VAL A 589 -3.76 31.26 -1.94
CA VAL A 589 -3.89 30.12 -1.05
C VAL A 589 -3.96 28.85 -1.86
N GLN A 590 -4.60 28.96 -3.01
CA GLN A 590 -4.70 27.86 -3.94
C GLN A 590 -3.25 27.47 -4.38
N ASP A 591 -2.42 28.43 -4.82
CA ASP A 591 -1.06 28.09 -5.24
C ASP A 591 -0.28 27.52 -4.11
N LEU A 592 -0.57 27.98 -2.91
CA LEU A 592 0.09 27.43 -1.76
C LEU A 592 -0.28 25.96 -1.54
N ALA A 593 -1.58 25.68 -1.60
CA ALA A 593 -2.09 24.36 -1.35
C ALA A 593 -1.66 23.38 -2.44
N ASN A 594 -1.49 23.86 -3.66
CA ASN A 594 -1.06 22.96 -4.74
C ASN A 594 0.47 22.81 -4.80
N GLY A 595 1.17 23.46 -3.87
CA GLY A 595 2.62 23.33 -3.78
C GLY A 595 3.34 24.05 -4.91
N ASN A 596 2.61 24.89 -5.60
CA ASN A 596 3.16 25.67 -6.70
C ASN A 596 4.10 26.77 -6.24
N ILE A 597 3.83 27.32 -5.06
CA ILE A 597 4.71 28.33 -4.49
C ILE A 597 4.98 28.08 -2.99
N THR A 598 6.08 28.64 -2.46
CA THR A 598 6.41 28.54 -1.03
C THR A 598 5.98 29.79 -0.22
N TRP A 599 6.08 29.75 1.10
CA TRP A 599 5.79 30.96 1.87
C TRP A 599 6.84 32.02 1.62
N ALA A 600 8.09 31.58 1.43
CA ALA A 600 9.17 32.50 1.12
C ALA A 600 8.80 33.18 -0.18
N ASP A 601 8.23 32.42 -1.09
CA ASP A 601 7.78 32.97 -2.35
C ASP A 601 6.68 34.03 -2.13
N VAL A 602 5.84 33.84 -1.12
CA VAL A 602 4.77 34.82 -0.87
C VAL A 602 5.30 36.11 -0.29
N GLU A 603 6.23 36.00 0.67
CA GLU A 603 6.83 37.17 1.31
C GLU A 603 7.60 38.00 0.32
N ALA A 604 8.06 37.32 -0.72
CA ALA A 604 8.88 37.90 -1.77
C ALA A 604 8.01 38.68 -2.79
N ARG A 605 6.68 38.60 -2.66
CA ARG A 605 5.77 39.19 -3.67
C ARG A 605 4.80 40.20 -3.08
N TYR A 606 4.55 40.12 -1.78
CA TYR A 606 3.52 40.98 -1.22
C TYR A 606 4.05 41.78 -0.03
N PRO A 607 3.33 42.86 0.34
CA PRO A 607 3.75 43.70 1.47
C PRO A 607 3.54 43.02 2.80
N LEU A 608 4.54 43.08 3.66
CA LEU A 608 4.46 42.36 4.92
C LEU A 608 3.63 43.21 5.88
N PHE A 609 3.13 42.60 6.95
CA PHE A 609 2.20 43.28 7.86
C PHE A 609 2.93 44.12 8.90
N GLU A 610 2.79 45.44 8.78
CA GLU A 610 3.45 46.34 9.72
C GLU A 610 2.41 47.09 10.58
N GLY A 611 1.24 46.49 10.75
CA GLY A 611 0.18 47.08 11.56
C GLY A 611 -1.07 47.54 10.84
N GLN A 612 -2.15 47.73 11.60
CA GLN A 612 -3.36 48.38 11.08
C GLN A 612 -3.13 49.87 10.97
N GLU A 613 -3.75 50.49 9.97
CA GLU A 613 -3.69 51.95 9.84
C GLU A 613 -4.97 52.58 10.39
N THR A 614 -6.08 51.85 10.29
CA THR A 614 -7.40 52.32 10.73
C THR A 614 -7.97 51.59 11.96
N GLY A 615 -9.14 52.03 12.41
CA GLY A 615 -9.84 51.46 13.54
C GLY A 615 -11.32 51.63 13.31
N LYS A 616 -12.14 51.59 14.36
CA LYS A 616 -13.57 51.83 14.18
C LYS A 616 -13.78 53.25 13.66
N LYS A 617 -14.64 53.39 12.64
CA LYS A 617 -14.90 54.69 12.02
C LYS A 617 -16.16 54.59 11.16
PG GTP B 1 -9.44 -12.68 22.86
O1G GTP B 1 -10.35 -12.34 24.00
O2G GTP B 1 -8.79 -14.05 23.08
O3G GTP B 1 -10.27 -12.63 21.64
O3B GTP B 1 -8.28 -11.58 22.74
PB GTP B 1 -8.42 -10.12 23.40
O1B GTP B 1 -9.67 -9.51 22.84
O2B GTP B 1 -7.26 -9.28 23.09
O3A GTP B 1 -8.60 -10.24 24.93
PA GTP B 1 -7.39 -10.37 25.92
O1A GTP B 1 -7.90 -9.98 27.27
O2A GTP B 1 -6.19 -9.53 25.56
O5' GTP B 1 -6.98 -11.97 25.97
C5' GTP B 1 -7.20 -12.69 27.13
C4' GTP B 1 -6.54 -14.06 27.30
O4' GTP B 1 -5.73 -14.41 26.24
C3' GTP B 1 -5.68 -14.03 28.49
O3' GTP B 1 -6.37 -14.54 29.57
C2' GTP B 1 -4.54 -14.77 28.16
O2' GTP B 1 -4.72 -16.18 28.47
C1' GTP B 1 -4.42 -14.56 26.70
N9 GTP B 1 -3.65 -13.42 26.27
C8 GTP B 1 -3.91 -12.53 25.37
N7 GTP B 1 -3.02 -11.68 25.26
C5 GTP B 1 -2.01 -11.86 26.06
C6 GTP B 1 -0.79 -11.23 26.34
O6 GTP B 1 -0.39 -10.07 25.66
N1 GTP B 1 0.01 -11.76 27.30
C2 GTP B 1 -0.36 -12.89 27.98
N2 GTP B 1 0.53 -13.42 29.00
N3 GTP B 1 -1.53 -13.53 27.75
C4 GTP B 1 -2.37 -13.07 26.81
P AMP C . 2.13 -6.62 5.98
O1P AMP C . 3.55 -6.91 5.53
O2P AMP C . 1.07 -6.74 4.90
O3P AMP C . 1.75 -7.29 7.28
O5' AMP C . 2.20 -5.07 6.33
C5' AMP C . 2.14 -4.05 5.32
C4' AMP C . 2.05 -2.68 5.92
O4' AMP C . 0.75 -2.53 6.53
C3' AMP C . 3.05 -2.39 7.04
O3' AMP C . 4.26 -1.83 6.56
C2' AMP C . 2.29 -1.45 7.99
O2' AMP C . 2.44 -0.10 7.61
C1' AMP C . 0.85 -1.85 7.76
N9 AMP C . 0.30 -2.72 8.82
C8 AMP C . 0.46 -4.06 8.91
N7 AMP C . -0.21 -4.57 9.98
C5 AMP C . -0.81 -3.52 10.58
C6 AMP C . -1.66 -3.34 11.77
N6 AMP C . -1.99 -4.42 12.52
N1 AMP C . -2.07 -2.08 12.08
C2 AMP C . -1.73 -1.02 11.30
N3 AMP C . -0.96 -1.10 10.20
C4 AMP C . -0.48 -2.31 9.81
#